data_1BJR
#
_entry.id   1BJR
#
_cell.length_a   44.600
_cell.length_b   38.581
_cell.length_c   79.220
_cell.angle_alpha   90.00
_cell.angle_beta   105.80
_cell.angle_gamma   90.00
#
_symmetry.space_group_name_H-M   'P 1 21 1'
#
loop_
_entity.id
_entity.type
_entity.pdbx_description
1 polymer 'PROTEINASE K'
2 polymer LACTOFERRIN
3 non-polymer 'CALCIUM ION'
4 water water
#
loop_
_entity_poly.entity_id
_entity_poly.type
_entity_poly.pdbx_seq_one_letter_code
_entity_poly.pdbx_strand_id
1 'polypeptide(L)'
;AAQTNAPWGLARISSTSPGTSTYYYDESAGQGSCVYVIDTGIEASHPEFEGRAQMVKTYYYSSRDGNGHGTHCAGTVGSR
TYGVAKKTQLFGVKVLDDNGSGQYSTIIAGMDFVASDKNNRNCPKGVVASLSLGGGYSSSVNSAAARLQSSGVMVAVAAG
NNNADARNYSPASEPSVCTVGASDRYDRRSSFSNYGSVLDIFGPGTSILSTWIGGSTRSISGTSMATPHVAGLAAYLMTL
GKTTAASACRYIADTANKGDLSNIPFGTVNLLAYNNYQA
;
E
2 'polypeptide(L)' VAQGGAAGLA I
#
# COMPACT_ATOMS: atom_id res chain seq x y z
N ALA A 1 -17.14 -4.22 -14.05
CA ALA A 1 -17.62 -4.78 -12.77
C ALA A 1 -17.84 -3.68 -11.73
N ALA A 2 -18.79 -3.93 -10.83
CA ALA A 2 -19.20 -3.00 -9.81
C ALA A 2 -19.39 -3.69 -8.46
N GLN A 3 -18.64 -3.29 -7.44
CA GLN A 3 -18.91 -3.73 -6.08
C GLN A 3 -19.81 -2.70 -5.39
N THR A 4 -21.03 -3.10 -5.10
CA THR A 4 -22.05 -2.27 -4.46
C THR A 4 -21.83 -2.25 -2.95
N ASN A 5 -22.00 -1.11 -2.30
CA ASN A 5 -21.77 -1.02 -0.85
C ASN A 5 -20.31 -1.25 -0.47
N ALA A 6 -19.38 -0.64 -1.19
CA ALA A 6 -17.96 -0.85 -0.97
C ALA A 6 -17.40 0.13 0.06
N PRO A 7 -16.41 -0.34 0.81
CA PRO A 7 -15.74 0.56 1.77
C PRO A 7 -15.51 1.90 1.09
N TRP A 8 -15.45 3.02 1.79
CA TRP A 8 -15.38 4.34 1.19
C TRP A 8 -14.23 4.61 0.25
N GLY A 9 -13.02 4.25 0.62
CA GLY A 9 -11.81 4.47 -0.14
C GLY A 9 -11.70 3.65 -1.41
N LEU A 10 -12.33 2.49 -1.47
CA LEU A 10 -12.45 1.74 -2.72
C LEU A 10 -13.29 2.52 -3.74
N ALA A 11 -14.49 2.94 -3.34
CA ALA A 11 -15.37 3.74 -4.16
C ALA A 11 -14.76 5.07 -4.54
N ARG A 12 -13.91 5.61 -3.67
CA ARG A 12 -13.26 6.89 -3.88
C ARG A 12 -12.20 6.79 -4.97
N ILE A 13 -11.63 5.59 -5.11
CA ILE A 13 -10.61 5.25 -6.08
C ILE A 13 -11.16 5.10 -7.49
N SER A 14 -12.46 4.81 -7.62
CA SER A 14 -13.09 4.68 -8.92
C SER A 14 -14.07 5.81 -9.22
N SER A 15 -13.95 6.92 -8.51
CA SER A 15 -14.88 8.04 -8.67
C SER A 15 -14.13 9.36 -8.71
N THR A 16 -14.77 10.36 -9.30
CA THR A 16 -14.15 11.67 -9.44
C THR A 16 -14.61 12.58 -8.31
N SER A 17 -15.72 12.16 -7.66
CA SER A 17 -16.22 12.91 -6.53
C SER A 17 -16.32 12.03 -5.28
N PRO A 18 -16.37 12.68 -4.14
CA PRO A 18 -16.53 12.01 -2.85
C PRO A 18 -18.01 11.71 -2.62
N GLY A 19 -18.28 10.94 -1.57
CA GLY A 19 -19.64 10.59 -1.22
C GLY A 19 -20.24 9.46 -2.04
N THR A 20 -19.48 8.85 -2.93
CA THR A 20 -19.99 7.69 -3.68
C THR A 20 -19.81 6.41 -2.86
N SER A 21 -20.56 5.36 -3.17
CA SER A 21 -20.53 4.13 -2.41
C SER A 21 -20.26 2.86 -3.19
N THR A 22 -20.16 2.95 -4.53
CA THR A 22 -19.93 1.78 -5.36
C THR A 22 -18.49 1.75 -5.89
N TYR A 23 -17.86 0.60 -5.90
CA TYR A 23 -16.50 0.51 -6.42
C TYR A 23 -16.48 -0.06 -7.83
N TYR A 24 -15.92 0.70 -8.77
CA TYR A 24 -15.85 0.31 -10.16
C TYR A 24 -14.42 -0.08 -10.57
N TYR A 25 -14.38 -1.27 -11.19
CA TYR A 25 -13.10 -1.84 -11.60
C TYR A 25 -13.29 -2.88 -12.68
N ASP A 26 -12.22 -3.11 -13.44
CA ASP A 26 -12.18 -4.17 -14.43
C ASP A 26 -12.13 -5.53 -13.73
N GLU A 27 -12.88 -6.48 -14.27
CA GLU A 27 -12.98 -7.83 -13.76
C GLU A 27 -11.70 -8.63 -13.79
N SER A 28 -10.68 -8.19 -14.54
CA SER A 28 -9.36 -8.80 -14.53
C SER A 28 -8.78 -8.75 -13.11
N ALA A 29 -9.14 -7.73 -12.36
CA ALA A 29 -8.87 -7.55 -10.96
C ALA A 29 -7.47 -7.87 -10.50
N GLY A 30 -6.45 -7.51 -11.29
CA GLY A 30 -5.09 -7.75 -10.89
C GLY A 30 -4.59 -9.18 -10.95
N GLN A 31 -5.23 -10.08 -11.69
CA GLN A 31 -4.73 -11.44 -11.86
C GLN A 31 -3.40 -11.43 -12.64
N GLY A 32 -2.44 -12.23 -12.19
CA GLY A 32 -1.14 -12.29 -12.79
C GLY A 32 -0.10 -11.39 -12.13
N SER A 33 -0.51 -10.41 -11.35
CA SER A 33 0.44 -9.59 -10.60
C SER A 33 0.59 -10.15 -9.18
N CYS A 34 1.70 -9.81 -8.53
CA CYS A 34 1.95 -10.27 -7.16
C CYS A 34 2.33 -9.05 -6.31
N VAL A 35 1.83 -9.02 -5.07
CA VAL A 35 2.18 -7.89 -4.18
C VAL A 35 2.84 -8.46 -2.93
N TYR A 36 4.05 -8.01 -2.64
CA TYR A 36 4.75 -8.45 -1.44
C TYR A 36 4.42 -7.42 -0.33
N VAL A 37 3.79 -7.88 0.75
CA VAL A 37 3.45 -6.98 1.84
C VAL A 37 4.47 -7.17 2.96
N ILE A 38 5.34 -6.18 3.14
CA ILE A 38 6.42 -6.29 4.15
C ILE A 38 5.94 -5.72 5.43
N ASP A 39 5.96 -6.60 6.43
CA ASP A 39 5.31 -6.23 7.65
C ASP A 39 5.33 -7.24 8.79
N THR A 40 4.20 -7.10 9.54
CA THR A 40 3.92 -7.91 10.72
C THR A 40 3.62 -9.35 10.30
N GLY A 41 3.31 -9.55 9.02
CA GLY A 41 2.92 -10.83 8.47
C GLY A 41 1.55 -10.77 7.82
N ILE A 42 1.02 -11.91 7.35
CA ILE A 42 -0.32 -11.93 6.78
C ILE A 42 -1.04 -13.18 7.29
N GLU A 43 -2.28 -13.07 7.75
CA GLU A 43 -3.04 -14.29 8.06
C GLU A 43 -3.53 -14.93 6.76
N ALA A 44 -2.72 -15.82 6.19
CA ALA A 44 -3.00 -16.40 4.88
C ALA A 44 -4.28 -17.21 4.85
N SER A 45 -4.75 -17.62 6.02
CA SER A 45 -5.90 -18.51 6.12
C SER A 45 -7.21 -17.76 6.14
N HIS A 46 -7.14 -16.42 6.12
CA HIS A 46 -8.33 -15.59 6.06
C HIS A 46 -9.07 -15.85 4.76
N PRO A 47 -10.34 -16.24 4.85
CA PRO A 47 -11.14 -16.61 3.71
C PRO A 47 -11.31 -15.46 2.71
N GLU A 48 -11.08 -14.23 3.14
CA GLU A 48 -11.08 -13.08 2.27
C GLU A 48 -9.97 -13.14 1.24
N PHE A 49 -8.94 -13.96 1.47
CA PHE A 49 -7.84 -14.12 0.56
C PHE A 49 -8.03 -15.23 -0.46
N GLU A 50 -8.94 -16.15 -0.17
CA GLU A 50 -9.29 -17.24 -1.05
C GLU A 50 -8.15 -18.08 -1.60
N GLY A 51 -7.15 -18.37 -0.77
CA GLY A 51 -6.01 -19.19 -1.18
C GLY A 51 -4.98 -18.42 -2.00
N ARG A 52 -5.14 -17.10 -2.07
CA ARG A 52 -4.27 -16.24 -2.86
C ARG A 52 -3.19 -15.56 -2.02
N ALA A 53 -3.22 -15.73 -0.71
CA ALA A 53 -2.27 -15.07 0.18
C ALA A 53 -1.27 -16.09 0.71
N GLN A 54 -0.04 -15.67 1.04
CA GLN A 54 0.94 -16.67 1.44
C GLN A 54 2.19 -16.13 2.11
N MET A 55 2.53 -16.76 3.23
CA MET A 55 3.77 -16.40 3.94
C MET A 55 4.99 -17.01 3.27
N VAL A 56 5.90 -16.10 2.94
CA VAL A 56 7.09 -16.36 2.14
C VAL A 56 8.35 -16.13 2.92
N LYS A 57 8.32 -15.33 4.00
CA LYS A 57 9.54 -15.14 4.80
C LYS A 57 9.31 -14.51 6.15
N THR A 58 9.99 -14.97 7.20
CA THR A 58 10.02 -14.35 8.50
C THR A 58 11.51 -14.12 8.91
N TYR A 59 11.68 -13.10 9.72
CA TYR A 59 12.97 -12.88 10.38
C TYR A 59 12.84 -13.19 11.86
N TYR A 60 11.78 -13.92 12.20
CA TYR A 60 11.37 -14.25 13.55
C TYR A 60 11.13 -15.76 13.69
N TYR A 61 10.79 -16.19 14.91
CA TYR A 61 10.50 -17.60 15.12
C TYR A 61 9.17 -17.96 14.46
N SER A 62 8.28 -16.98 14.33
CA SER A 62 6.98 -17.25 13.74
C SER A 62 6.76 -16.46 12.45
N SER A 63 6.17 -17.14 11.47
CA SER A 63 5.78 -16.49 10.23
C SER A 63 4.34 -15.99 10.29
N ARG A 64 3.71 -15.94 11.47
CA ARG A 64 2.35 -15.45 11.55
C ARG A 64 2.21 -14.01 12.03
N ASP A 65 1.07 -13.44 11.65
CA ASP A 65 0.72 -12.07 12.06
C ASP A 65 0.04 -12.11 13.42
N GLY A 66 0.79 -11.69 14.44
CA GLY A 66 0.28 -11.76 15.82
C GLY A 66 -0.02 -10.34 16.26
N ASN A 67 -0.09 -9.47 15.27
CA ASN A 67 -0.40 -8.06 15.45
C ASN A 67 -1.73 -7.74 14.78
N GLY A 68 -1.79 -7.97 13.47
CA GLY A 68 -3.01 -7.71 12.69
C GLY A 68 -2.82 -6.63 11.65
N HIS A 69 -1.95 -5.99 12.10
CA HIS A 69 -1.63 -4.91 11.18
C HIS A 69 -1.31 -5.46 9.79
N GLY A 70 -0.37 -6.13 9.36
CA GLY A 70 -0.04 -6.69 8.06
C GLY A 70 -1.28 -7.24 7.36
N THR A 71 -2.14 -7.92 8.12
CA THR A 71 -3.34 -8.52 7.53
C THR A 71 -4.27 -7.44 7.00
N HIS A 72 -4.41 -6.36 7.75
CA HIS A 72 -5.26 -5.23 7.39
C HIS A 72 -4.79 -4.58 6.09
N CYS A 73 -3.49 -4.27 6.05
CA CYS A 73 -2.82 -3.74 4.87
C CYS A 73 -2.97 -4.68 3.67
N ALA A 74 -2.61 -5.95 3.81
CA ALA A 74 -2.78 -6.91 2.73
C ALA A 74 -4.21 -7.07 2.26
N GLY A 75 -5.19 -6.73 3.11
CA GLY A 75 -6.59 -6.82 2.74
C GLY A 75 -7.07 -5.64 1.88
N THR A 76 -6.48 -4.46 2.08
CA THR A 76 -6.81 -3.31 1.23
C THR A 76 -6.23 -3.51 -0.17
N VAL A 77 -5.13 -4.26 -0.25
CA VAL A 77 -4.52 -4.58 -1.52
C VAL A 77 -5.36 -5.61 -2.27
N GLY A 78 -5.67 -6.74 -1.65
CA GLY A 78 -6.26 -7.83 -2.38
C GLY A 78 -7.26 -8.72 -1.72
N SER A 79 -7.85 -8.37 -0.57
CA SER A 79 -8.92 -9.25 -0.05
C SER A 79 -10.12 -9.11 -1.01
N ARG A 80 -11.07 -10.04 -0.95
CA ARG A 80 -12.18 -10.01 -1.86
C ARG A 80 -13.17 -8.88 -1.65
N THR A 81 -13.43 -8.46 -0.41
CA THR A 81 -14.41 -7.41 -0.15
C THR A 81 -13.74 -6.05 0.02
N TYR A 82 -12.55 -6.04 0.60
CA TYR A 82 -11.87 -4.80 0.98
C TYR A 82 -10.77 -4.40 0.02
N GLY A 83 -10.44 -5.29 -0.91
CA GLY A 83 -9.31 -5.14 -1.78
C GLY A 83 -9.54 -4.36 -3.05
N VAL A 84 -8.50 -3.60 -3.41
CA VAL A 84 -8.44 -2.89 -4.69
C VAL A 84 -8.21 -3.90 -5.82
N ALA A 85 -7.27 -4.80 -5.63
CA ALA A 85 -6.94 -5.82 -6.63
C ALA A 85 -7.39 -7.20 -6.18
N LYS A 86 -8.65 -7.52 -6.39
CA LYS A 86 -9.38 -8.64 -5.86
C LYS A 86 -8.93 -10.02 -6.29
N LYS A 87 -8.05 -10.10 -7.27
CA LYS A 87 -7.54 -11.36 -7.77
C LYS A 87 -6.02 -11.36 -7.84
N THR A 88 -5.36 -10.39 -7.18
CA THR A 88 -3.89 -10.37 -7.23
C THR A 88 -3.31 -11.46 -6.33
N GLN A 89 -2.02 -11.75 -6.44
CA GLN A 89 -1.41 -12.75 -5.54
C GLN A 89 -0.63 -12.07 -4.42
N LEU A 90 -0.83 -12.48 -3.18
CA LEU A 90 -0.25 -11.82 -2.03
C LEU A 90 0.85 -12.63 -1.36
N PHE A 91 2.01 -12.02 -1.16
CA PHE A 91 3.14 -12.65 -0.52
C PHE A 91 3.52 -11.94 0.77
N GLY A 92 3.63 -12.65 1.87
CA GLY A 92 4.00 -12.12 3.16
C GLY A 92 5.48 -12.23 3.49
N VAL A 93 6.08 -11.13 3.94
CA VAL A 93 7.45 -11.05 4.42
C VAL A 93 7.43 -10.40 5.80
N LYS A 94 7.66 -11.17 6.86
CA LYS A 94 7.56 -10.67 8.23
C LYS A 94 8.85 -10.03 8.70
N VAL A 95 8.96 -8.72 8.55
CA VAL A 95 10.09 -7.95 9.04
C VAL A 95 9.74 -7.20 10.33
N LEU A 96 8.45 -7.14 10.66
CA LEU A 96 7.97 -6.50 11.87
C LEU A 96 7.49 -7.57 12.86
N ASP A 97 7.78 -7.37 14.14
CA ASP A 97 7.30 -8.28 15.17
C ASP A 97 5.80 -8.07 15.46
N ASP A 98 5.26 -8.76 16.41
CA ASP A 98 3.88 -8.71 16.85
C ASP A 98 3.44 -7.44 17.54
N ASN A 99 4.33 -6.54 17.72
CA ASN A 99 3.97 -5.26 18.30
C ASN A 99 3.94 -4.29 17.19
N GLY A 100 4.56 -4.71 16.18
CA GLY A 100 4.55 -3.95 15.02
C GLY A 100 5.81 -3.12 14.84
N SER A 101 6.91 -3.55 15.45
CA SER A 101 8.19 -2.89 15.27
C SER A 101 9.27 -3.84 14.73
N GLY A 102 10.34 -3.25 14.21
CA GLY A 102 11.46 -4.03 13.69
C GLY A 102 12.69 -3.12 13.62
N GLN A 103 13.87 -3.71 13.65
CA GLN A 103 15.11 -2.96 13.47
C GLN A 103 15.31 -2.64 11.99
N TYR A 104 16.14 -1.66 11.69
CA TYR A 104 16.38 -1.21 10.33
C TYR A 104 17.04 -2.26 9.46
N SER A 105 18.01 -2.96 10.01
CA SER A 105 18.75 -4.02 9.35
C SER A 105 17.88 -5.17 8.88
N THR A 106 16.83 -5.47 9.64
CA THR A 106 15.89 -6.52 9.23
C THR A 106 14.82 -6.07 8.24
N ILE A 107 14.81 -4.97 7.83
CA ILE A 107 13.68 -4.43 7.03
C ILE A 107 14.28 -3.93 5.70
N ILE A 108 15.54 -3.71 5.94
CA ILE A 108 16.42 -3.66 4.78
C ILE A 108 16.66 -5.08 4.22
N ALA A 109 16.90 -6.08 5.06
CA ALA A 109 17.09 -7.44 4.61
C ALA A 109 15.86 -7.99 3.91
N GLY A 110 14.67 -7.70 4.43
CA GLY A 110 13.41 -8.09 3.83
C GLY A 110 13.13 -7.46 2.49
N MET A 111 13.55 -6.20 2.27
CA MET A 111 13.47 -5.57 0.96
C MET A 111 14.38 -6.26 -0.05
N ASP A 112 15.60 -6.60 0.38
CA ASP A 112 16.58 -7.30 -0.43
C ASP A 112 16.18 -8.74 -0.73
N PHE A 113 15.46 -9.39 0.17
CA PHE A 113 14.94 -10.73 -0.04
C PHE A 113 13.95 -10.79 -1.19
N VAL A 114 13.07 -9.78 -1.30
CA VAL A 114 12.07 -9.74 -2.37
C VAL A 114 12.76 -9.55 -3.73
N ALA A 115 13.80 -8.71 -3.72
CA ALA A 115 14.56 -8.43 -4.94
C ALA A 115 14.91 -9.76 -5.62
N SER A 116 15.37 -10.73 -4.84
CA SER A 116 15.70 -12.03 -5.35
C SER A 116 14.53 -13.00 -5.43
N ASP A 117 13.63 -12.98 -4.46
CA ASP A 117 12.54 -13.95 -4.42
C ASP A 117 11.67 -13.86 -5.66
N LYS A 118 11.43 -12.64 -6.16
CA LYS A 118 10.47 -12.44 -7.23
C LYS A 118 10.81 -13.14 -8.53
N ASN A 119 12.07 -13.44 -8.75
CA ASN A 119 12.52 -14.12 -9.95
C ASN A 119 11.98 -15.54 -10.04
N ASN A 120 11.72 -16.16 -8.89
CA ASN A 120 11.20 -17.52 -8.88
C ASN A 120 9.77 -17.57 -8.37
N ARG A 121 9.02 -16.51 -8.66
CA ARG A 121 7.60 -16.43 -8.35
C ARG A 121 6.82 -16.14 -9.65
N ASN A 122 5.76 -16.88 -9.92
CA ASN A 122 4.97 -16.69 -11.10
C ASN A 122 4.02 -15.50 -11.05
N CYS A 123 4.56 -14.36 -11.46
CA CYS A 123 3.90 -13.08 -11.53
C CYS A 123 4.11 -12.49 -12.94
N PRO A 124 3.36 -13.01 -13.89
CA PRO A 124 3.48 -12.61 -15.28
C PRO A 124 3.17 -11.15 -15.54
N LYS A 125 2.31 -10.52 -14.74
CA LYS A 125 1.91 -9.15 -14.95
C LYS A 125 2.76 -8.13 -14.21
N GLY A 126 3.67 -8.62 -13.36
CA GLY A 126 4.52 -7.73 -12.59
C GLY A 126 4.43 -7.90 -11.09
N VAL A 127 5.35 -7.22 -10.40
CA VAL A 127 5.59 -7.37 -8.98
C VAL A 127 5.61 -6.01 -8.30
N VAL A 128 4.82 -5.89 -7.25
CA VAL A 128 4.71 -4.63 -6.49
C VAL A 128 5.14 -4.89 -5.04
N ALA A 129 5.65 -3.87 -4.37
CA ALA A 129 5.97 -3.97 -2.97
C ALA A 129 5.24 -2.89 -2.17
N SER A 130 4.58 -3.28 -1.09
CA SER A 130 3.86 -2.37 -0.23
C SER A 130 4.53 -2.25 1.14
N LEU A 131 4.93 -1.03 1.49
CA LEU A 131 5.65 -0.78 2.74
C LEU A 131 4.95 0.24 3.63
N SER A 132 4.01 -0.25 4.45
CA SER A 132 3.34 0.61 5.43
C SER A 132 4.18 0.54 6.71
N LEU A 133 5.34 1.16 6.64
CA LEU A 133 6.37 1.04 7.70
C LEU A 133 7.21 2.30 7.62
N GLY A 134 8.07 2.62 8.56
CA GLY A 134 8.92 3.80 8.49
C GLY A 134 9.32 4.30 9.87
N GLY A 135 10.26 5.23 9.89
CA GLY A 135 10.78 5.76 11.15
C GLY A 135 11.71 6.93 10.81
N GLY A 136 12.63 7.26 11.71
CA GLY A 136 13.56 8.34 11.48
C GLY A 136 14.35 8.08 10.18
N TYR A 137 14.88 9.17 9.65
CA TYR A 137 15.67 9.17 8.45
C TYR A 137 16.85 8.22 8.48
N SER A 138 16.96 7.39 7.45
CA SER A 138 18.08 6.45 7.31
C SER A 138 18.46 6.31 5.84
N SER A 139 19.72 6.55 5.55
CA SER A 139 20.26 6.45 4.21
C SER A 139 20.49 5.03 3.72
N SER A 140 20.55 4.07 4.64
CA SER A 140 20.61 2.66 4.28
C SER A 140 19.20 2.18 3.93
N VAL A 141 18.22 2.66 4.69
CA VAL A 141 16.83 2.31 4.45
C VAL A 141 16.35 2.86 3.12
N ASN A 142 16.77 4.08 2.76
CA ASN A 142 16.45 4.69 1.48
C ASN A 142 17.19 4.01 0.32
N SER A 143 18.46 3.68 0.55
CA SER A 143 19.24 2.87 -0.38
C SER A 143 18.60 1.52 -0.67
N ALA A 144 18.09 0.82 0.35
CA ALA A 144 17.51 -0.50 0.15
C ALA A 144 16.25 -0.46 -0.70
N ALA A 145 15.44 0.58 -0.48
CA ALA A 145 14.20 0.76 -1.25
C ALA A 145 14.49 1.18 -2.68
N ALA A 146 15.57 1.94 -2.87
CA ALA A 146 16.04 2.28 -4.21
C ALA A 146 16.50 1.08 -5.01
N ARG A 147 17.18 0.12 -4.39
CA ARG A 147 17.59 -1.13 -5.03
C ARG A 147 16.35 -1.98 -5.37
N LEU A 148 15.41 -2.01 -4.43
CA LEU A 148 14.19 -2.78 -4.63
C LEU A 148 13.43 -2.22 -5.81
N GLN A 149 13.19 -0.91 -5.84
CA GLN A 149 12.59 -0.27 -7.01
C GLN A 149 13.42 -0.59 -8.26
N SER A 150 14.74 -0.43 -8.16
CA SER A 150 15.64 -0.74 -9.25
C SER A 150 15.61 -2.18 -9.69
N SER A 151 15.32 -3.14 -8.83
CA SER A 151 15.23 -4.53 -9.31
C SER A 151 14.00 -4.81 -10.17
N GLY A 152 13.07 -3.85 -10.30
CA GLY A 152 11.91 -4.09 -11.17
C GLY A 152 10.66 -4.39 -10.35
N VAL A 153 10.60 -3.74 -9.18
CA VAL A 153 9.48 -3.85 -8.26
C VAL A 153 8.86 -2.47 -8.02
N MET A 154 7.55 -2.36 -8.25
CA MET A 154 6.87 -1.07 -7.98
C MET A 154 6.77 -0.93 -6.46
N VAL A 155 7.56 -0.05 -5.88
CA VAL A 155 7.65 0.13 -4.44
C VAL A 155 6.81 1.31 -3.98
N ALA A 156 5.76 1.04 -3.23
CA ALA A 156 4.91 2.06 -2.63
C ALA A 156 5.20 2.15 -1.13
N VAL A 157 5.46 3.35 -0.62
CA VAL A 157 5.77 3.51 0.79
C VAL A 157 4.93 4.57 1.49
N ALA A 158 4.68 4.39 2.79
CA ALA A 158 3.89 5.31 3.61
C ALA A 158 4.56 6.67 3.81
N ALA A 159 3.82 7.79 3.88
CA ALA A 159 4.47 9.09 4.07
C ALA A 159 4.90 9.26 5.53
N GLY A 160 4.14 8.63 6.43
CA GLY A 160 4.38 8.87 7.85
C GLY A 160 3.10 9.48 8.44
N ASN A 161 2.71 8.92 9.57
CA ASN A 161 1.51 9.35 10.32
C ASN A 161 1.94 10.62 11.37
N ASN A 162 2.91 11.67 11.06
CA ASN A 162 3.56 12.87 12.01
C ASN A 162 3.01 14.26 11.69
N ASN A 163 2.25 14.40 10.61
CA ASN A 163 1.81 15.75 10.24
C ASN A 163 3.00 16.71 10.17
N ALA A 164 4.07 16.25 9.54
CA ALA A 164 5.26 17.08 9.34
C ALA A 164 5.79 16.69 7.95
N ASP A 165 6.89 17.28 7.53
CA ASP A 165 7.49 16.93 6.24
C ASP A 165 8.03 15.50 6.25
N ALA A 166 7.65 14.71 5.25
CA ALA A 166 8.09 13.32 5.13
C ALA A 166 9.57 13.21 4.81
N ARG A 167 10.24 14.31 4.52
CA ARG A 167 11.66 14.33 4.20
C ARG A 167 12.57 13.84 5.32
N ASN A 168 12.12 13.87 6.56
CA ASN A 168 12.93 13.40 7.68
C ASN A 168 12.62 11.94 8.07
N TYR A 169 11.90 11.23 7.24
CA TYR A 169 11.50 9.84 7.56
C TYR A 169 12.08 8.90 6.54
N SER A 170 12.48 7.75 7.05
CA SER A 170 13.28 6.82 6.26
C SER A 170 12.62 6.35 4.98
N PRO A 171 12.11 5.16 4.68
CA PRO A 171 11.95 4.95 3.30
C PRO A 171 11.21 6.07 2.62
N ALA A 172 10.37 6.82 3.33
CA ALA A 172 9.54 7.86 2.75
C ALA A 172 10.30 8.83 1.86
N SER A 173 11.46 9.26 2.36
CA SER A 173 12.26 10.29 1.73
C SER A 173 13.03 9.79 0.52
N GLU A 174 13.07 8.48 0.29
CA GLU A 174 13.71 7.96 -0.90
C GLU A 174 12.93 8.47 -2.12
N PRO A 175 13.57 9.29 -2.94
CA PRO A 175 12.91 9.95 -4.04
C PRO A 175 12.44 8.98 -5.09
N SER A 176 12.98 7.79 -5.20
CA SER A 176 12.65 6.89 -6.30
C SER A 176 11.53 5.91 -6.05
N VAL A 177 11.04 5.75 -4.83
CA VAL A 177 9.90 4.85 -4.58
C VAL A 177 8.62 5.67 -4.68
N CYS A 178 7.43 5.12 -4.54
CA CYS A 178 6.19 5.89 -4.61
C CYS A 178 5.70 6.16 -3.18
N THR A 179 5.83 7.40 -2.73
CA THR A 179 5.56 7.81 -1.36
C THR A 179 4.13 8.31 -1.18
N VAL A 180 3.39 7.66 -0.31
CA VAL A 180 1.95 7.81 -0.20
C VAL A 180 1.47 8.47 1.07
N GLY A 181 0.71 9.55 0.89
CA GLY A 181 0.10 10.32 1.98
C GLY A 181 -1.36 9.89 2.09
N ALA A 182 -2.05 10.32 3.13
CA ALA A 182 -3.42 9.86 3.38
C ALA A 182 -4.45 10.96 3.25
N SER A 183 -5.65 10.61 2.82
CA SER A 183 -6.81 11.48 2.72
C SER A 183 -8.03 10.88 3.41
N ASP A 184 -9.00 11.74 3.75
CA ASP A 184 -10.21 11.30 4.41
C ASP A 184 -11.43 11.31 3.51
N ARG A 185 -12.56 10.96 4.08
CA ARG A 185 -13.88 10.86 3.46
C ARG A 185 -14.31 12.14 2.73
N TYR A 186 -13.94 13.28 3.28
CA TYR A 186 -14.30 14.59 2.81
C TYR A 186 -13.26 15.25 1.92
N ASP A 187 -12.35 14.48 1.34
CA ASP A 187 -11.34 14.97 0.44
C ASP A 187 -10.41 16.01 1.05
N ARG A 188 -10.10 15.82 2.33
CA ARG A 188 -9.12 16.60 3.04
C ARG A 188 -7.91 15.68 3.29
N ARG A 189 -6.71 16.22 3.27
CA ARG A 189 -5.56 15.44 3.75
C ARG A 189 -5.88 14.99 5.19
N SER A 190 -5.61 13.73 5.53
CA SER A 190 -5.85 13.26 6.89
C SER A 190 -4.98 14.10 7.85
N SER A 191 -5.50 14.38 9.04
CA SER A 191 -4.84 15.29 9.96
C SER A 191 -3.44 14.85 10.35
N PHE A 192 -3.23 13.55 10.51
CA PHE A 192 -1.98 12.96 10.90
C PHE A 192 -0.98 12.78 9.76
N SER A 193 -1.45 12.83 8.51
CA SER A 193 -0.64 12.63 7.33
C SER A 193 0.50 13.64 7.15
N ASN A 194 1.68 13.08 6.85
CA ASN A 194 2.84 13.91 6.51
C ASN A 194 2.62 14.48 5.09
N TYR A 195 3.41 15.49 4.79
CA TYR A 195 3.33 16.14 3.47
C TYR A 195 4.76 16.46 3.06
N GLY A 196 4.99 17.30 2.07
CA GLY A 196 6.37 17.58 1.63
C GLY A 196 6.47 17.30 0.14
N SER A 197 7.55 17.80 -0.48
CA SER A 197 7.67 17.63 -1.93
C SER A 197 7.99 16.19 -2.29
N VAL A 198 8.36 15.37 -1.31
CA VAL A 198 8.67 13.97 -1.54
C VAL A 198 7.45 13.10 -1.82
N LEU A 199 6.26 13.51 -1.37
CA LEU A 199 5.06 12.70 -1.67
C LEU A 199 4.82 12.68 -3.18
N ASP A 200 4.24 11.60 -3.70
CA ASP A 200 3.87 11.51 -5.11
C ASP A 200 2.36 11.50 -5.31
N ILE A 201 1.65 10.95 -4.35
CA ILE A 201 0.22 10.67 -4.51
C ILE A 201 -0.43 10.55 -3.12
N PHE A 202 -1.73 10.71 -3.05
CA PHE A 202 -2.52 10.54 -1.84
C PHE A 202 -3.52 9.41 -2.09
N GLY A 203 -3.81 8.64 -1.06
CA GLY A 203 -4.82 7.56 -1.13
C GLY A 203 -5.66 7.65 0.14
N PRO A 204 -6.79 6.97 0.18
CA PRO A 204 -7.67 6.97 1.35
C PRO A 204 -7.00 6.32 2.56
N GLY A 205 -6.85 7.02 3.67
CA GLY A 205 -6.09 6.49 4.80
C GLY A 205 -6.79 6.66 6.14
N THR A 206 -7.99 7.20 6.13
CA THR A 206 -8.77 7.48 7.31
C THR A 206 -10.03 6.61 7.43
N SER A 207 -10.11 5.87 8.54
CA SER A 207 -11.31 5.04 8.74
C SER A 207 -11.43 4.07 7.57
N ILE A 208 -10.37 3.26 7.44
CA ILE A 208 -10.28 2.28 6.35
C ILE A 208 -10.63 0.90 6.87
N LEU A 209 -11.75 0.36 6.41
CA LEU A 209 -12.23 -0.93 6.86
C LEU A 209 -11.56 -2.03 6.06
N SER A 210 -10.95 -2.99 6.76
CA SER A 210 -10.31 -4.12 6.06
C SER A 210 -10.35 -5.41 6.85
N THR A 211 -9.58 -6.41 6.42
CA THR A 211 -9.46 -7.69 7.12
C THR A 211 -8.61 -7.54 8.39
N TRP A 212 -8.91 -8.34 9.39
CA TRP A 212 -8.09 -8.39 10.61
C TRP A 212 -7.84 -9.84 10.99
N ILE A 213 -6.84 -10.07 11.84
CA ILE A 213 -6.55 -11.41 12.31
C ILE A 213 -7.75 -12.04 13.04
N GLY A 214 -7.82 -13.35 12.90
CA GLY A 214 -8.88 -14.15 13.51
C GLY A 214 -10.05 -14.29 12.56
N GLY A 215 -9.80 -14.23 11.26
CA GLY A 215 -10.85 -14.30 10.26
C GLY A 215 -11.86 -13.15 10.38
N SER A 216 -11.44 -12.02 10.95
CA SER A 216 -12.33 -10.90 11.17
C SER A 216 -11.91 -9.65 10.41
N THR A 217 -12.60 -8.55 10.72
CA THR A 217 -12.37 -7.25 10.11
C THR A 217 -12.18 -6.15 11.15
N ARG A 218 -11.70 -4.99 10.73
CA ARG A 218 -11.38 -3.87 11.59
C ARG A 218 -11.16 -2.61 10.76
N SER A 219 -11.49 -1.48 11.35
CA SER A 219 -11.38 -0.19 10.69
C SER A 219 -10.34 0.66 11.41
N ILE A 220 -9.32 1.13 10.70
CA ILE A 220 -8.24 1.90 11.33
C ILE A 220 -7.74 2.98 10.38
N SER A 221 -7.01 3.96 10.88
CA SER A 221 -6.56 5.09 10.08
C SER A 221 -5.04 5.13 9.98
N GLY A 222 -4.50 5.73 8.92
CA GLY A 222 -3.09 5.98 8.79
C GLY A 222 -2.57 5.99 7.39
N THR A 223 -1.37 6.56 7.18
CA THR A 223 -0.73 6.46 5.87
C THR A 223 -0.45 5.03 5.47
N SER A 224 -0.62 4.16 6.43
CA SER A 224 -0.40 2.73 6.23
C SER A 224 -1.68 2.05 5.42
N MET A 225 -3.02 2.52 5.64
CA MET A 225 -4.37 2.01 4.94
C MET A 225 -4.40 2.57 3.49
N ALA A 226 -3.37 3.91 3.43
CA ALA A 226 -3.30 4.70 2.13
C ALA A 226 -2.32 4.04 1.16
N THR A 227 -1.18 3.58 1.69
CA THR A 227 -0.19 2.88 0.91
C THR A 227 -0.70 1.71 0.08
N PRO A 228 -1.30 0.69 0.71
CA PRO A 228 -1.83 -0.47 0.03
C PRO A 228 -2.90 -0.14 -0.99
N HIS A 229 -3.58 0.99 -0.86
CA HIS A 229 -4.56 1.40 -1.86
C HIS A 229 -3.83 1.74 -3.17
N VAL A 230 -2.74 2.51 -3.08
CA VAL A 230 -1.95 2.75 -4.28
C VAL A 230 -1.14 1.53 -4.69
N ALA A 231 -0.78 0.66 -3.75
CA ALA A 231 -0.11 -0.59 -4.08
C ALA A 231 -1.00 -1.52 -4.91
N GLY A 232 -2.27 -1.62 -4.58
CA GLY A 232 -3.22 -2.45 -5.31
C GLY A 232 -3.65 -1.81 -6.62
N LEU A 233 -3.70 -0.47 -6.68
CA LEU A 233 -3.94 0.25 -7.92
C LEU A 233 -2.85 -0.04 -8.94
N ALA A 234 -1.59 -0.06 -8.53
CA ALA A 234 -0.50 -0.45 -9.43
C ALA A 234 -0.68 -1.85 -9.96
N ALA A 235 -0.83 -2.86 -9.10
CA ALA A 235 -1.00 -4.24 -9.51
C ALA A 235 -2.16 -4.44 -10.48
N TYR A 236 -3.27 -3.77 -10.20
CA TYR A 236 -4.43 -3.75 -11.07
C TYR A 236 -4.12 -3.06 -12.40
N LEU A 237 -3.38 -1.94 -12.36
CA LEU A 237 -3.03 -1.19 -13.54
C LEU A 237 -2.00 -1.94 -14.39
N MET A 238 -1.08 -2.61 -13.71
CA MET A 238 -0.06 -3.42 -14.35
C MET A 238 -0.68 -4.65 -14.99
N THR A 239 -1.69 -5.22 -14.30
CA THR A 239 -2.38 -6.35 -14.91
C THR A 239 -3.28 -5.92 -16.05
N LEU A 240 -3.69 -4.66 -16.11
CA LEU A 240 -4.37 -4.11 -17.27
C LEU A 240 -3.44 -3.86 -18.45
N GLY A 241 -2.14 -3.83 -18.26
CA GLY A 241 -1.16 -3.57 -19.27
C GLY A 241 -0.84 -2.11 -19.48
N LYS A 242 -1.48 -1.21 -18.74
CA LYS A 242 -1.36 0.23 -18.89
C LYS A 242 0.00 0.81 -18.50
N THR A 243 0.72 0.10 -17.64
CA THR A 243 1.98 0.59 -17.06
C THR A 243 2.78 -0.60 -16.52
N THR A 244 4.00 -0.35 -16.10
CA THR A 244 4.85 -1.40 -15.53
C THR A 244 5.54 -0.93 -14.26
N ALA A 245 6.31 -1.81 -13.61
CA ALA A 245 6.95 -1.44 -12.36
C ALA A 245 7.72 -0.14 -12.41
N ALA A 246 8.53 0.09 -13.44
CA ALA A 246 9.35 1.28 -13.57
C ALA A 246 8.57 2.56 -13.79
N SER A 247 7.50 2.52 -14.56
CA SER A 247 6.75 3.74 -14.91
C SER A 247 5.52 3.96 -14.05
N ALA A 248 5.09 2.99 -13.27
CA ALA A 248 3.88 2.99 -12.50
C ALA A 248 3.55 4.21 -11.66
N CYS A 249 4.49 4.72 -10.86
CA CYS A 249 4.22 5.84 -9.98
C CYS A 249 3.88 7.11 -10.81
N ARG A 250 4.64 7.33 -11.84
CA ARG A 250 4.46 8.46 -12.76
C ARG A 250 3.08 8.40 -13.42
N TYR A 251 2.70 7.21 -13.84
CA TYR A 251 1.43 7.01 -14.55
C TYR A 251 0.24 7.25 -13.63
N ILE A 252 0.37 6.84 -12.37
CA ILE A 252 -0.67 7.01 -11.36
C ILE A 252 -0.87 8.47 -10.99
N ALA A 253 0.22 9.23 -10.88
CA ALA A 253 0.15 10.66 -10.65
C ALA A 253 -0.41 11.38 -11.89
N ASP A 254 0.07 11.04 -13.07
CA ASP A 254 -0.39 11.69 -14.31
C ASP A 254 -1.89 11.47 -14.54
N THR A 255 -2.44 10.38 -14.00
CA THR A 255 -3.88 10.06 -14.18
C THR A 255 -4.67 10.27 -12.90
N ALA A 256 -4.05 10.86 -11.89
CA ALA A 256 -4.77 11.06 -10.62
C ALA A 256 -5.84 12.13 -10.82
N ASN A 257 -6.83 12.16 -9.93
CA ASN A 257 -7.72 13.33 -9.84
C ASN A 257 -6.86 14.49 -9.28
N LYS A 258 -6.85 15.65 -9.93
CA LYS A 258 -6.03 16.76 -9.45
C LYS A 258 -6.86 17.84 -8.76
N GLY A 259 -6.27 18.51 -7.77
CA GLY A 259 -6.83 19.68 -7.14
C GLY A 259 -8.09 19.43 -6.33
N ASP A 260 -8.38 18.19 -6.00
CA ASP A 260 -9.60 17.82 -5.28
C ASP A 260 -9.43 17.92 -3.77
N LEU A 261 -8.20 17.90 -3.28
CA LEU A 261 -7.91 17.84 -1.87
C LEU A 261 -7.79 19.21 -1.22
N SER A 262 -8.27 19.30 0.02
CA SER A 262 -8.14 20.55 0.79
C SER A 262 -7.19 20.30 1.95
N ASN A 263 -6.64 21.35 2.56
CA ASN A 263 -5.68 21.14 3.66
C ASN A 263 -4.34 20.61 3.19
N ILE A 264 -4.00 20.83 1.92
CA ILE A 264 -2.75 20.42 1.31
C ILE A 264 -1.73 21.55 1.38
N PRO A 265 -0.65 21.36 2.13
CA PRO A 265 0.39 22.37 2.29
C PRO A 265 1.01 22.75 0.96
N PHE A 266 1.58 23.93 0.87
CA PHE A 266 2.21 24.45 -0.34
C PHE A 266 3.53 23.73 -0.61
N GLY A 267 3.66 23.14 -1.79
CA GLY A 267 4.84 22.34 -2.11
C GLY A 267 4.51 20.85 -2.15
N THR A 268 3.31 20.48 -1.75
CA THR A 268 2.82 19.11 -1.72
C THR A 268 1.83 18.92 -2.88
N VAL A 269 1.96 17.81 -3.58
CA VAL A 269 1.07 17.54 -4.72
C VAL A 269 -0.36 17.39 -4.24
N ASN A 270 -1.30 17.88 -5.04
CA ASN A 270 -2.72 17.71 -4.77
C ASN A 270 -3.28 16.64 -5.72
N LEU A 271 -2.82 15.41 -5.55
CA LEU A 271 -3.19 14.29 -6.41
C LEU A 271 -3.73 13.13 -5.59
N LEU A 272 -4.82 12.54 -6.04
CA LEU A 272 -5.46 11.44 -5.33
C LEU A 272 -5.60 10.25 -6.26
N ALA A 273 -5.01 9.11 -5.93
CA ALA A 273 -5.03 7.95 -6.82
C ALA A 273 -6.43 7.75 -7.40
N TYR A 274 -6.50 7.41 -8.69
CA TYR A 274 -7.75 7.20 -9.41
C TYR A 274 -7.58 6.13 -10.48
N ASN A 275 -8.52 5.21 -10.61
CA ASN A 275 -8.41 4.07 -11.51
C ASN A 275 -8.90 4.33 -12.92
N ASN A 276 -9.47 5.50 -13.17
CA ASN A 276 -9.99 5.97 -14.42
C ASN A 276 -11.05 5.10 -15.09
N TYR A 277 -11.92 4.47 -14.33
CA TYR A 277 -12.91 3.54 -14.87
C TYR A 277 -14.31 4.12 -14.79
N GLN A 278 -14.72 4.88 -15.80
CA GLN A 278 -16.17 5.27 -15.83
C GLN A 278 -16.87 4.14 -16.58
N ALA A 279 -18.13 3.85 -16.29
CA ALA A 279 -18.79 2.69 -16.92
C ALA A 279 -19.54 3.05 -18.19
N VAL B 1 4.84 2.02 10.08
CA VAL B 1 5.39 0.79 10.65
C VAL B 1 4.33 -0.29 10.91
N ALA B 2 4.18 -0.68 12.19
CA ALA B 2 3.32 -1.84 12.52
C ALA B 2 2.18 -1.68 13.60
N GLN B 3 2.26 -2.61 14.58
CA GLN B 3 1.08 -3.10 15.37
C GLN B 3 -0.25 -2.55 14.88
N GLY B 4 -1.22 -3.29 15.37
CA GLY B 4 -2.66 -3.15 15.11
C GLY B 4 -3.12 -2.07 14.11
N GLY B 5 -3.23 -2.49 12.84
CA GLY B 5 -3.82 -1.69 11.72
C GLY B 5 -3.00 -0.44 11.29
N ALA B 6 -2.90 0.51 12.21
CA ALA B 6 -2.19 1.82 12.02
C ALA B 6 -1.34 1.87 10.71
N ALA B 7 -0.35 2.79 10.71
CA ALA B 7 0.58 3.03 9.55
C ALA B 7 1.96 3.61 9.99
N GLY B 8 2.74 4.16 9.00
CA GLY B 8 4.10 4.71 9.32
C GLY B 8 4.91 5.32 8.13
N LEU B 9 6.23 4.99 8.18
CA LEU B 9 7.28 5.56 7.31
C LEU B 9 7.81 6.76 8.06
N ALA B 10 7.14 6.92 9.11
CA ALA B 10 7.34 7.97 10.03
C ALA B 10 6.05 7.89 10.87
#